data_8B2J
#
_entry.id   8B2J
#
_cell.length_a   67.357
_cell.length_b   67.368
_cell.length_c   136.317
_cell.angle_alpha   90
_cell.angle_beta   90
_cell.angle_gamma   90
#
_symmetry.space_group_name_H-M   'P 21 21 21'
#
loop_
_entity.id
_entity.type
_entity.pdbx_description
1 polymer 'Stimulator of interferon genes protein'
2 non-polymer (1~{R},3~{S},6~{R},8~{R},9~{R},10~{S},12~{S},15~{R},17~{R},18~{R})-8,17-bis(6-aminopurin-9-yl)-3,12-bis(oxidanylidene)-3,12-bis(sulfanyl)-2,4,7,11,13,16-hexaoxa-3$l^{5},12$l^{5}-diphosphatricyclo[13.2.1.0^{6,10}]octadecane-9,18-diol
3 non-polymer 'CALCIUM ION'
4 non-polymer 'SODIUM ION'
5 water water
#
_entity_poly.entity_id   1
_entity_poly.type   'polypeptide(L)'
_entity_poly.pdbx_seq_one_letter_code
;GLAPAEISAVCEKGNFNVAHGLAWSYYIGYLRLILPELQARIRTYNQHYNNLLRGAVSQRLYILLPLDCGVPDNLSMADP
NIRFLDKLPQQTGDRAGIKDRVYSNSIYELLENGQRAGTCVLEYATPLQTLFAMSQYSQAGFSREDRLEQAKLFCRTLED
ILADAPESQNNCRLIAYQEPADDSSFSLSQEVLRHLRQEEKEEVTVGSLKTSAVPSTSTMSQEPELLISGMEKPLPLRTD
FS
;
_entity_poly.pdbx_strand_id   A,B
#
loop_
_chem_comp.id
_chem_comp.type
_chem_comp.name
_chem_comp.formula
CA non-polymer 'CALCIUM ION' 'Ca 2'
GJF non-polymer (1~{R},3~{S},6~{R},8~{R},9~{R},10~{S},12~{S},15~{R},17~{R},18~{R})-8,17-bis(6-aminopurin-9-yl)-3,12-bis(oxidanylidene)-3,12-bis(sulfanyl)-2,4,7,11,13,16-hexaoxa-3$l^{5},12$l^{5}-diphosphatricyclo[13.2.1.0^{6,10}]octadecane-9,18-diol 'C20 H24 N10 O10 P2 S2'
NA non-polymer 'SODIUM ION' 'Na 1'
#
# COMPACT_ATOMS: atom_id res chain seq x y z
N PHE A 16 -0.38 -8.68 19.68
CA PHE A 16 0.33 -7.41 19.84
C PHE A 16 1.31 -7.19 18.71
N ASN A 17 2.09 -8.23 18.38
CA ASN A 17 3.11 -8.11 17.35
C ASN A 17 2.52 -7.98 15.92
N VAL A 18 1.25 -8.38 15.74
CA VAL A 18 0.56 -8.24 14.48
C VAL A 18 0.18 -6.76 14.27
N ALA A 19 -0.30 -6.09 15.34
CA ALA A 19 -0.67 -4.68 15.31
C ALA A 19 0.55 -3.77 15.29
N HIS A 20 1.60 -4.16 16.02
CA HIS A 20 2.86 -3.41 16.09
C HIS A 20 3.52 -3.34 14.70
N GLY A 21 3.52 -4.47 13.99
CA GLY A 21 4.11 -4.56 12.67
C GLY A 21 3.36 -3.77 11.63
N LEU A 22 2.02 -3.77 11.71
CA LEU A 22 1.17 -3.04 10.78
C LEU A 22 1.29 -1.54 10.98
N ALA A 23 1.45 -1.09 12.23
CA ALA A 23 1.62 0.33 12.53
C ALA A 23 2.96 0.84 11.98
N TRP A 24 4.03 0.04 12.14
CA TRP A 24 5.35 0.43 11.66
C TRP A 24 5.43 0.43 10.14
N SER A 25 4.74 -0.53 9.51
CA SER A 25 4.62 -0.67 8.06
C SER A 25 3.88 0.54 7.46
N TYR A 26 2.82 0.98 8.13
CA TYR A 26 2.01 2.11 7.73
C TYR A 26 2.81 3.43 7.82
N TYR A 27 3.60 3.59 8.89
CA TYR A 27 4.44 4.78 9.05
C TYR A 27 5.57 4.80 8.01
N ILE A 28 6.34 3.72 7.90
CA ILE A 28 7.51 3.62 7.04
C ILE A 28 7.16 3.63 5.56
N GLY A 29 6.18 2.81 5.19
CA GLY A 29 5.78 2.66 3.80
C GLY A 29 4.69 3.59 3.32
N TYR A 30 4.22 4.53 4.17
CA TYR A 30 3.15 5.41 3.75
C TYR A 30 3.26 6.82 4.32
N LEU A 31 3.07 7.02 5.63
CA LEU A 31 3.13 8.34 6.23
C LEU A 31 4.45 9.08 6.03
N ARG A 32 5.58 8.37 6.13
CA ARG A 32 6.89 9.00 5.92
C ARG A 32 7.09 9.42 4.49
N LEU A 33 6.48 8.72 3.52
CA LEU A 33 6.61 9.07 2.12
C LEU A 33 5.70 10.23 1.73
N ILE A 34 4.45 10.28 2.23
CA ILE A 34 3.51 11.33 1.80
C ILE A 34 3.47 12.57 2.70
N LEU A 35 3.63 12.44 4.03
CA LEU A 35 3.52 13.60 4.92
C LEU A 35 4.54 14.73 4.63
N PRO A 36 5.83 14.48 4.29
CA PRO A 36 6.74 15.62 3.99
C PRO A 36 6.31 16.46 2.78
N GLU A 37 5.58 15.85 1.82
CA GLU A 37 5.15 16.48 0.58
C GLU A 37 3.69 16.99 0.61
N LEU A 38 2.91 16.63 1.65
CA LEU A 38 1.49 16.95 1.81
C LEU A 38 1.15 18.43 1.80
N GLN A 39 1.93 19.24 2.52
CA GLN A 39 1.75 20.68 2.64
C GLN A 39 1.79 21.41 1.30
N ALA A 40 2.71 21.06 0.41
CA ALA A 40 2.81 21.71 -0.90
C ALA A 40 1.68 21.31 -1.81
N ARG A 41 1.23 20.03 -1.72
CA ARG A 41 0.13 19.49 -2.51
C ARG A 41 -1.18 20.20 -2.13
N ILE A 42 -1.39 20.48 -0.82
CA ILE A 42 -2.57 21.16 -0.31
C ILE A 42 -2.50 22.62 -0.73
N ARG A 43 -1.35 23.27 -0.51
CA ARG A 43 -1.09 24.65 -0.90
C ARG A 43 -1.34 24.85 -2.40
N THR A 44 -0.98 23.88 -3.24
CA THR A 44 -1.20 23.92 -4.69
C THR A 44 -2.68 23.80 -5.02
N TYR A 45 -3.40 22.95 -4.27
CA TYR A 45 -4.85 22.81 -4.50
C TYR A 45 -5.56 24.12 -4.12
N ASN A 46 -5.14 24.73 -3.02
CA ASN A 46 -5.69 25.97 -2.51
C ASN A 46 -5.44 27.20 -3.40
N GLN A 47 -4.55 27.10 -4.39
CA GLN A 47 -4.26 28.22 -5.30
C GLN A 47 -5.44 28.61 -6.18
N HIS A 48 -6.00 27.66 -6.95
CA HIS A 48 -7.14 27.82 -7.86
C HIS A 48 -8.45 27.85 -7.00
N TYR A 49 -8.50 27.06 -5.93
CA TYR A 49 -9.67 26.83 -5.10
C TYR A 49 -10.03 27.90 -4.06
N ASN A 50 -9.06 28.32 -3.25
CA ASN A 50 -9.35 29.25 -2.18
C ASN A 50 -9.70 30.62 -2.66
N ASN A 51 -10.74 31.16 -2.06
CA ASN A 51 -11.20 32.50 -2.27
C ASN A 51 -11.94 32.99 -1.01
N LEU A 52 -12.42 34.21 -1.03
CA LEU A 52 -13.11 34.87 0.06
C LEU A 52 -14.49 34.26 0.34
N LEU A 53 -15.10 33.62 -0.65
CA LEU A 53 -16.44 33.05 -0.50
C LEU A 53 -16.46 31.64 0.08
N ARG A 54 -15.29 31.01 0.29
CA ARG A 54 -15.24 29.64 0.79
C ARG A 54 -14.06 29.38 1.69
N GLY A 55 -14.20 28.35 2.50
CA GLY A 55 -13.13 27.92 3.37
C GLY A 55 -12.13 27.13 2.57
N ALA A 56 -10.85 27.42 2.79
CA ALA A 56 -9.73 26.71 2.18
C ALA A 56 -9.66 25.27 2.74
N VAL A 57 -8.96 24.39 2.03
CA VAL A 57 -8.71 23.03 2.49
C VAL A 57 -7.72 23.13 3.66
N SER A 58 -8.01 22.45 4.78
CA SER A 58 -7.12 22.42 5.93
C SER A 58 -5.81 21.72 5.59
N GLN A 59 -4.76 22.04 6.34
CA GLN A 59 -3.37 21.66 6.11
C GLN A 59 -2.85 20.27 6.54
N ARG A 60 -3.64 19.44 7.23
CA ARG A 60 -3.12 18.13 7.68
C ARG A 60 -3.88 16.93 7.10
N LEU A 61 -3.34 15.72 7.28
CA LEU A 61 -4.05 14.52 6.85
C LEU A 61 -4.85 14.07 8.07
N TYR A 62 -6.18 13.95 7.94
CA TYR A 62 -7.00 13.49 9.05
C TYR A 62 -7.23 12.03 8.84
N ILE A 63 -6.75 11.22 9.77
CA ILE A 63 -6.78 9.77 9.66
C ILE A 63 -7.78 9.19 10.63
N LEU A 64 -8.83 8.57 10.12
CA LEU A 64 -9.86 7.97 10.94
C LEU A 64 -9.38 6.63 11.44
N LEU A 65 -9.47 6.42 12.76
CA LEU A 65 -9.09 5.18 13.39
C LEU A 65 -10.29 4.61 14.14
N PRO A 66 -11.25 3.99 13.44
CA PRO A 66 -12.39 3.38 14.16
C PRO A 66 -11.94 2.14 14.93
N LEU A 67 -12.34 2.01 16.21
CA LEU A 67 -11.95 0.87 17.02
C LEU A 67 -12.77 -0.39 16.74
N ASP A 68 -14.00 -0.25 16.23
CA ASP A 68 -14.90 -1.37 15.93
C ASP A 68 -15.89 -1.00 14.81
N CYS A 69 -15.44 -0.99 13.57
CA CYS A 69 -16.25 -0.61 12.43
C CYS A 69 -15.99 -1.57 11.26
N GLY A 70 -16.90 -1.63 10.30
CA GLY A 70 -16.67 -2.45 9.11
C GLY A 70 -15.64 -1.80 8.19
N VAL A 71 -15.51 -0.45 8.28
CA VAL A 71 -14.62 0.43 7.51
C VAL A 71 -15.03 0.44 6.04
N PRO A 72 -16.01 1.28 5.69
CA PRO A 72 -16.43 1.36 4.29
C PRO A 72 -15.42 2.07 3.38
N ASP A 73 -15.58 1.91 2.07
CA ASP A 73 -14.70 2.56 1.10
C ASP A 73 -15.17 3.99 0.75
N ASN A 74 -16.47 4.27 0.94
CA ASN A 74 -17.08 5.55 0.70
C ASN A 74 -17.42 6.20 2.05
N LEU A 75 -16.86 7.40 2.31
CA LEU A 75 -17.10 8.08 3.59
C LEU A 75 -18.53 8.59 3.74
N SER A 76 -19.26 8.78 2.64
CA SER A 76 -20.66 9.17 2.71
C SER A 76 -21.52 8.01 3.27
N MET A 77 -21.06 6.75 3.12
CA MET A 77 -21.74 5.58 3.69
C MET A 77 -21.64 5.60 5.22
N ALA A 78 -20.53 6.09 5.76
CA ALA A 78 -20.33 6.19 7.21
C ALA A 78 -21.16 7.33 7.79
N ASP A 79 -21.27 8.45 7.05
CA ASP A 79 -22.04 9.64 7.48
C ASP A 79 -22.40 10.43 6.23
N PRO A 80 -23.71 10.64 5.93
CA PRO A 80 -24.06 11.43 4.76
C PRO A 80 -23.58 12.89 4.82
N ASN A 81 -23.17 13.37 6.00
CA ASN A 81 -22.61 14.71 6.13
C ASN A 81 -21.11 14.81 5.74
N ILE A 82 -20.52 13.73 5.21
CA ILE A 82 -19.14 13.73 4.76
C ILE A 82 -19.25 13.47 3.30
N ARG A 83 -18.95 14.48 2.45
CA ARG A 83 -19.07 14.29 1.01
C ARG A 83 -17.74 14.59 0.31
N PHE A 84 -17.42 13.78 -0.69
CA PHE A 84 -16.20 13.94 -1.45
C PHE A 84 -16.29 15.22 -2.29
N LEU A 85 -15.20 15.99 -2.36
CA LEU A 85 -15.18 17.24 -3.13
C LEU A 85 -14.27 17.09 -4.31
N ASP A 86 -13.05 16.59 -4.07
CA ASP A 86 -12.04 16.50 -5.11
C ASP A 86 -10.82 15.75 -4.66
N LYS A 87 -9.96 15.40 -5.61
CA LYS A 87 -8.68 14.79 -5.27
C LYS A 87 -7.61 15.86 -5.26
N LEU A 88 -6.60 15.65 -4.42
CA LEU A 88 -5.41 16.49 -4.42
C LEU A 88 -4.62 16.11 -5.68
N PRO A 89 -3.68 16.95 -6.20
CA PRO A 89 -2.79 16.45 -7.29
C PRO A 89 -2.01 15.21 -6.79
N GLN A 90 -1.84 14.19 -7.64
CA GLN A 90 -1.15 12.95 -7.28
C GLN A 90 0.32 13.14 -6.96
N GLN A 91 0.88 12.21 -6.21
CA GLN A 91 2.29 12.17 -5.91
C GLN A 91 2.80 10.80 -6.42
N THR A 92 3.81 10.79 -7.31
CA THR A 92 4.37 9.54 -7.82
C THR A 92 5.84 9.33 -7.39
N GLY A 93 6.30 8.09 -7.47
CA GLY A 93 7.66 7.73 -7.10
C GLY A 93 7.92 6.27 -7.37
N ASP A 94 9.15 5.96 -7.79
CA ASP A 94 9.52 4.57 -8.07
C ASP A 94 9.65 3.86 -6.75
N ARG A 95 9.09 2.67 -6.66
CA ARG A 95 9.12 1.93 -5.42
C ARG A 95 9.14 0.41 -5.62
N ALA A 96 10.24 -0.24 -5.16
CA ALA A 96 10.46 -1.69 -5.15
C ALA A 96 10.15 -2.38 -6.48
N GLY A 97 10.63 -1.79 -7.58
CA GLY A 97 10.40 -2.35 -8.90
C GLY A 97 9.20 -1.78 -9.62
N ILE A 98 8.32 -1.07 -8.93
CA ILE A 98 7.17 -0.45 -9.56
C ILE A 98 7.48 1.00 -9.94
N LYS A 99 7.49 1.32 -11.24
CA LYS A 99 7.75 2.67 -11.69
C LYS A 99 6.53 3.52 -11.46
N ASP A 100 6.75 4.76 -11.00
CA ASP A 100 5.66 5.72 -10.78
C ASP A 100 4.49 5.16 -9.97
N ARG A 101 4.77 4.61 -8.78
CA ARG A 101 3.72 4.16 -7.88
C ARG A 101 2.97 5.45 -7.42
N VAL A 102 1.64 5.40 -7.43
CA VAL A 102 0.82 6.57 -7.16
C VAL A 102 0.25 6.62 -5.76
N TYR A 103 0.37 7.80 -5.14
CA TYR A 103 -0.16 8.14 -3.84
C TYR A 103 -1.20 9.22 -4.05
N SER A 104 -2.49 8.86 -3.88
N SER A 104 -2.48 8.86 -3.85
CA SER A 104 -3.58 9.80 -4.07
CA SER A 104 -3.61 9.74 -4.05
C SER A 104 -4.33 10.04 -2.76
C SER A 104 -4.32 10.04 -2.73
N ASN A 105 -4.82 11.26 -2.54
CA ASN A 105 -5.54 11.61 -1.32
C ASN A 105 -6.77 12.42 -1.69
N SER A 106 -7.88 12.22 -0.96
CA SER A 106 -9.16 12.87 -1.24
C SER A 106 -9.56 13.94 -0.24
N ILE A 107 -10.21 14.98 -0.77
CA ILE A 107 -10.72 16.13 -0.03
C ILE A 107 -12.20 15.96 0.22
N TYR A 108 -12.62 16.18 1.46
CA TYR A 108 -14.01 16.03 1.84
C TYR A 108 -14.56 17.30 2.48
N GLU A 109 -15.84 17.54 2.26
CA GLU A 109 -16.56 18.60 2.95
C GLU A 109 -17.31 17.98 4.13
N LEU A 110 -17.37 18.72 5.23
CA LEU A 110 -18.07 18.28 6.41
C LEU A 110 -19.26 19.20 6.57
N LEU A 111 -20.48 18.65 6.44
CA LEU A 111 -21.69 19.46 6.55
C LEU A 111 -22.24 19.48 7.95
N GLU A 112 -22.84 20.60 8.30
CA GLU A 112 -23.46 20.82 9.59
C GLU A 112 -24.68 21.69 9.29
N ASN A 113 -25.89 21.17 9.62
CA ASN A 113 -27.16 21.87 9.37
C ASN A 113 -27.33 22.29 7.90
N GLY A 114 -26.92 21.44 6.97
CA GLY A 114 -27.05 21.69 5.55
C GLY A 114 -26.05 22.67 4.94
N GLN A 115 -25.03 23.06 5.71
CA GLN A 115 -24.02 23.98 5.20
C GLN A 115 -22.63 23.47 5.47
N ARG A 116 -21.71 23.77 4.56
CA ARG A 116 -20.31 23.36 4.72
C ARG A 116 -19.69 24.05 5.92
N ALA A 117 -19.16 23.27 6.84
CA ALA A 117 -18.50 23.76 8.07
C ALA A 117 -16.99 23.43 8.12
N GLY A 118 -16.56 22.48 7.29
CA GLY A 118 -15.16 22.08 7.23
C GLY A 118 -14.78 21.48 5.90
N THR A 119 -13.48 21.54 5.57
CA THR A 119 -12.90 20.99 4.35
C THR A 119 -11.54 20.41 4.69
N CYS A 120 -11.35 19.10 4.46
CA CYS A 120 -10.07 18.49 4.80
C CYS A 120 -9.73 17.24 4.00
N VAL A 121 -8.46 16.86 3.99
CA VAL A 121 -8.06 15.61 3.34
C VAL A 121 -8.20 14.54 4.43
N LEU A 122 -9.05 13.58 4.16
CA LEU A 122 -9.49 12.62 5.14
C LEU A 122 -9.49 11.21 4.57
N GLU A 123 -9.19 10.23 5.42
CA GLU A 123 -9.18 8.81 5.01
C GLU A 123 -9.08 7.93 6.23
N TYR A 124 -9.43 6.67 6.08
CA TYR A 124 -9.26 5.69 7.14
C TYR A 124 -7.80 5.19 7.09
N ALA A 125 -7.31 4.66 8.21
CA ALA A 125 -6.01 3.99 8.22
C ALA A 125 -6.33 2.61 7.64
N THR A 126 -5.88 2.36 6.42
CA THR A 126 -6.11 1.13 5.65
C THR A 126 -5.73 -0.17 6.39
N PRO A 127 -4.68 -0.22 7.25
CA PRO A 127 -4.39 -1.46 7.98
C PRO A 127 -5.51 -1.92 8.91
N LEU A 128 -6.34 -1.00 9.40
CA LEU A 128 -7.49 -1.34 10.24
C LEU A 128 -8.54 -2.07 9.42
N GLN A 129 -8.79 -1.61 8.18
CA GLN A 129 -9.75 -2.28 7.28
C GLN A 129 -9.26 -3.69 6.97
N THR A 130 -7.97 -3.84 6.70
CA THR A 130 -7.38 -5.12 6.35
C THR A 130 -7.42 -6.07 7.54
N LEU A 131 -7.13 -5.56 8.75
CA LEU A 131 -7.19 -6.32 10.00
C LEU A 131 -8.59 -6.92 10.23
N PHE A 132 -9.65 -6.10 10.06
CA PHE A 132 -11.02 -6.53 10.27
C PHE A 132 -11.44 -7.57 9.21
N ALA A 133 -10.86 -7.53 8.00
CA ALA A 133 -11.12 -8.47 6.91
C ALA A 133 -10.42 -9.85 7.09
N MET A 134 -9.48 -9.95 8.04
CA MET A 134 -8.81 -11.21 8.33
C MET A 134 -9.77 -12.24 8.96
N SER A 135 -10.92 -11.80 9.50
CA SER A 135 -11.91 -12.68 10.14
C SER A 135 -12.48 -13.73 9.18
N GLN A 136 -12.56 -13.43 7.88
CA GLN A 136 -13.08 -14.35 6.86
C GLN A 136 -12.21 -15.59 6.63
N TYR A 137 -10.97 -15.57 7.12
CA TYR A 137 -9.99 -16.61 6.85
C TYR A 137 -9.60 -17.34 8.11
N SER A 138 -9.83 -18.66 8.15
CA SER A 138 -9.46 -19.48 9.31
C SER A 138 -7.97 -19.48 9.56
N GLN A 139 -7.16 -19.49 8.48
CA GLN A 139 -5.72 -19.54 8.64
C GLN A 139 -5.06 -18.22 9.06
N ALA A 140 -5.84 -17.11 9.07
CA ALA A 140 -5.32 -15.85 9.60
C ALA A 140 -5.23 -15.89 11.15
N GLY A 141 -5.99 -16.80 11.78
CA GLY A 141 -6.03 -16.94 13.22
C GLY A 141 -6.81 -15.84 13.90
N PHE A 142 -6.74 -15.79 15.24
CA PHE A 142 -7.39 -14.76 16.05
C PHE A 142 -8.91 -14.59 15.86
N SER A 143 -9.63 -14.64 16.97
CA SER A 143 -11.08 -14.47 17.01
C SER A 143 -11.50 -12.98 16.82
N ARG A 144 -12.82 -12.69 16.85
CA ARG A 144 -13.36 -11.34 16.73
C ARG A 144 -12.94 -10.45 17.93
N GLU A 145 -12.75 -11.06 19.10
CA GLU A 145 -12.32 -10.32 20.30
C GLU A 145 -10.83 -9.96 20.20
N ASP A 146 -10.02 -10.81 19.55
CA ASP A 146 -8.60 -10.56 19.35
C ASP A 146 -8.42 -9.38 18.38
N ARG A 147 -9.25 -9.31 17.32
CA ARG A 147 -9.20 -8.23 16.34
C ARG A 147 -9.56 -6.87 16.98
N LEU A 148 -10.42 -6.87 18.00
CA LEU A 148 -10.81 -5.62 18.67
C LEU A 148 -9.66 -5.05 19.50
N GLU A 149 -8.82 -5.92 20.09
CA GLU A 149 -7.67 -5.47 20.87
C GLU A 149 -6.50 -5.08 19.94
N GLN A 150 -6.40 -5.71 18.77
CA GLN A 150 -5.39 -5.39 17.77
C GLN A 150 -5.62 -3.98 17.18
N ALA A 151 -6.87 -3.53 17.09
CA ALA A 151 -7.18 -2.19 16.61
C ALA A 151 -6.69 -1.14 17.62
N LYS A 152 -6.87 -1.42 18.93
CA LYS A 152 -6.42 -0.54 20.00
C LYS A 152 -4.89 -0.49 20.03
N LEU A 153 -4.26 -1.65 19.86
CA LEU A 153 -2.81 -1.76 19.87
C LEU A 153 -2.18 -1.08 18.64
N PHE A 154 -2.89 -1.11 17.49
CA PHE A 154 -2.44 -0.41 16.28
C PHE A 154 -2.42 1.10 16.53
N CYS A 155 -3.49 1.63 17.14
CA CYS A 155 -3.66 3.06 17.41
C CYS A 155 -2.64 3.58 18.42
N ARG A 156 -2.43 2.85 19.52
CA ARG A 156 -1.45 3.26 20.52
C ARG A 156 -0.04 3.27 19.94
N THR A 157 0.32 2.22 19.16
CA THR A 157 1.64 2.12 18.54
C THR A 157 1.85 3.30 17.59
N LEU A 158 0.86 3.59 16.70
CA LEU A 158 0.97 4.68 15.74
C LEU A 158 1.12 6.01 16.46
N GLU A 159 0.39 6.21 17.56
CA GLU A 159 0.46 7.44 18.35
C GLU A 159 1.84 7.62 18.99
N ASP A 160 2.46 6.51 19.46
CA ASP A 160 3.80 6.53 20.04
C ASP A 160 4.83 6.83 18.95
N ILE A 161 4.64 6.26 17.74
CA ILE A 161 5.54 6.51 16.61
C ILE A 161 5.57 8.00 16.27
N LEU A 162 4.39 8.61 16.07
CA LEU A 162 4.24 10.01 15.73
C LEU A 162 4.74 10.93 16.84
N ALA A 163 4.62 10.51 18.11
CA ALA A 163 5.13 11.30 19.23
C ALA A 163 6.67 11.41 19.17
N ASP A 164 7.35 10.40 18.62
CA ASP A 164 8.81 10.38 18.42
C ASP A 164 9.23 10.88 17.01
N ALA A 165 8.28 11.38 16.20
CA ALA A 165 8.50 11.90 14.86
C ALA A 165 7.82 13.27 14.75
N PRO A 166 8.47 14.34 15.27
CA PRO A 166 7.84 15.68 15.25
C PRO A 166 7.42 16.23 13.88
N GLU A 167 8.14 15.84 12.82
CA GLU A 167 7.81 16.28 11.47
C GLU A 167 6.46 15.71 11.04
N SER A 168 6.30 14.37 11.09
CA SER A 168 5.06 13.68 10.74
C SER A 168 3.90 14.08 11.66
N GLN A 169 4.20 14.29 12.95
CA GLN A 169 3.23 14.68 13.98
C GLN A 169 2.43 15.95 13.62
N ASN A 170 3.11 16.99 13.10
CA ASN A 170 2.40 18.21 12.73
C ASN A 170 1.72 18.17 11.34
N ASN A 171 1.93 17.09 10.58
CA ASN A 171 1.32 16.98 9.25
C ASN A 171 0.11 16.03 9.20
N CYS A 172 -0.24 15.42 10.34
CA CYS A 172 -1.38 14.53 10.42
C CYS A 172 -2.04 14.57 11.80
N ARG A 173 -3.33 14.22 11.84
CA ARG A 173 -4.11 14.16 13.06
C ARG A 173 -4.84 12.82 13.08
N LEU A 174 -4.66 12.09 14.18
CA LEU A 174 -5.31 10.81 14.38
C LEU A 174 -6.65 11.04 15.02
N ILE A 175 -7.70 10.47 14.45
CA ILE A 175 -9.04 10.59 14.99
C ILE A 175 -9.51 9.20 15.38
N ALA A 176 -9.27 8.79 16.63
CA ALA A 176 -9.70 7.49 17.13
C ALA A 176 -11.10 7.59 17.76
N TYR A 177 -11.94 6.57 17.59
CA TYR A 177 -13.31 6.60 18.10
C TYR A 177 -14.00 5.23 18.15
N GLN A 178 -15.04 5.11 18.99
CA GLN A 178 -15.87 3.91 19.14
C GLN A 178 -17.33 4.30 18.89
N PHE A 186 -24.38 7.84 15.99
CA PHE A 186 -23.04 8.45 16.07
C PHE A 186 -22.77 9.36 14.87
N SER A 187 -22.22 10.56 15.11
CA SER A 187 -21.88 11.45 13.99
C SER A 187 -20.39 11.51 13.82
N LEU A 188 -19.91 10.85 12.75
CA LEU A 188 -18.50 10.88 12.39
C LEU A 188 -18.11 12.30 11.94
N SER A 189 -19.04 13.03 11.26
CA SER A 189 -18.90 14.42 10.85
C SER A 189 -18.55 15.31 12.04
N GLN A 190 -19.29 15.16 13.16
CA GLN A 190 -19.08 15.92 14.39
C GLN A 190 -17.77 15.60 15.06
N GLU A 191 -17.33 14.34 14.94
CA GLU A 191 -16.07 13.90 15.51
C GLU A 191 -14.90 14.54 14.75
N VAL A 192 -14.94 14.54 13.41
CA VAL A 192 -13.89 15.15 12.61
C VAL A 192 -13.93 16.68 12.81
N LEU A 193 -15.13 17.26 12.83
CA LEU A 193 -15.32 18.71 13.02
C LEU A 193 -14.74 19.19 14.34
N ARG A 194 -14.85 18.37 15.40
CA ARG A 194 -14.32 18.67 16.72
C ARG A 194 -12.79 18.84 16.67
N HIS A 195 -12.08 17.91 16.00
CA HIS A 195 -10.62 17.93 15.85
C HIS A 195 -10.18 19.09 14.93
N LEU A 196 -10.94 19.31 13.85
CA LEU A 196 -10.70 20.37 12.88
C LEU A 196 -10.82 21.74 13.58
N ARG A 197 -11.82 21.89 14.46
CA ARG A 197 -12.07 23.14 15.20
C ARG A 197 -11.07 23.43 16.30
N GLN A 198 -10.39 22.42 16.82
CA GLN A 198 -9.36 22.63 17.84
C GLN A 198 -8.12 23.31 17.23
N GLU A 199 -7.83 23.03 15.95
CA GLU A 199 -6.67 23.57 15.24
C GLU A 199 -6.78 25.06 14.97
N GLU A 200 -7.96 25.52 14.50
CA GLU A 200 -8.16 26.94 14.20
C GLU A 200 -8.29 27.80 15.47
N LYS A 201 -9.29 27.53 16.33
CA LYS A 201 -9.50 28.27 17.56
C LYS A 201 -9.63 27.32 18.73
N ASN B 17 3.09 -12.98 15.31
CA ASN B 17 4.31 -12.58 14.61
C ASN B 17 4.09 -11.35 13.73
N VAL B 18 5.14 -10.53 13.54
CA VAL B 18 5.02 -9.37 12.66
C VAL B 18 4.95 -9.84 11.18
N ALA B 19 5.60 -10.97 10.84
CA ALA B 19 5.67 -11.55 9.51
C ALA B 19 4.34 -12.15 9.04
N HIS B 20 3.61 -12.80 9.96
CA HIS B 20 2.30 -13.40 9.67
C HIS B 20 1.29 -12.31 9.27
N GLY B 21 1.35 -11.17 9.97
CA GLY B 21 0.47 -10.04 9.74
C GLY B 21 0.67 -9.37 8.40
N LEU B 22 1.94 -9.03 8.07
CA LEU B 22 2.30 -8.39 6.81
C LEU B 22 1.97 -9.29 5.61
N ALA B 23 2.09 -10.61 5.76
CA ALA B 23 1.77 -11.55 4.69
C ALA B 23 0.27 -11.58 4.40
N TRP B 24 -0.56 -11.61 5.46
CA TRP B 24 -2.02 -11.58 5.29
C TRP B 24 -2.51 -10.25 4.77
N SER B 25 -1.87 -9.17 5.23
CA SER B 25 -2.13 -7.79 4.82
C SER B 25 -1.77 -7.58 3.33
N TYR B 26 -0.73 -8.26 2.86
CA TYR B 26 -0.28 -8.18 1.48
C TYR B 26 -1.24 -8.97 0.55
N TYR B 27 -1.69 -10.13 1.01
CA TYR B 27 -2.65 -10.92 0.27
C TYR B 27 -4.02 -10.21 0.18
N ILE B 28 -4.61 -9.83 1.31
CA ILE B 28 -5.91 -9.19 1.37
C ILE B 28 -5.95 -7.79 0.74
N GLY B 29 -5.00 -6.95 1.13
CA GLY B 29 -4.97 -5.57 0.65
C GLY B 29 -4.25 -5.33 -0.66
N TYR B 30 -3.78 -6.39 -1.34
CA TYR B 30 -3.04 -6.19 -2.58
C TYR B 30 -3.24 -7.29 -3.61
N LEU B 31 -2.81 -8.53 -3.34
CA LEU B 31 -2.93 -9.64 -4.28
C LEU B 31 -4.35 -9.99 -4.62
N ARG B 32 -5.27 -9.99 -3.64
CA ARG B 32 -6.67 -10.29 -3.93
C ARG B 32 -7.32 -9.20 -4.78
N LEU B 33 -6.84 -7.94 -4.68
CA LEU B 33 -7.39 -6.85 -5.46
C LEU B 33 -6.84 -6.82 -6.90
N ILE B 34 -5.53 -7.04 -7.08
CA ILE B 34 -4.94 -6.96 -8.43
C ILE B 34 -4.89 -8.28 -9.20
N LEU B 35 -4.69 -9.45 -8.55
CA LEU B 35 -4.52 -10.69 -9.31
C LEU B 35 -5.74 -11.09 -10.16
N PRO B 36 -7.02 -10.90 -9.74
CA PRO B 36 -8.14 -11.27 -10.64
C PRO B 36 -8.29 -10.40 -11.90
N GLU B 37 -7.72 -9.17 -11.91
CA GLU B 37 -7.79 -8.27 -13.07
C GLU B 37 -6.44 -8.23 -13.88
N LEU B 38 -5.39 -8.88 -13.38
CA LEU B 38 -4.04 -8.94 -13.96
C LEU B 38 -4.01 -9.51 -15.37
N GLN B 39 -4.68 -10.65 -15.58
CA GLN B 39 -4.74 -11.34 -16.86
C GLN B 39 -5.26 -10.48 -18.00
N ALA B 40 -6.33 -9.71 -17.77
CA ALA B 40 -6.90 -8.86 -18.81
C ALA B 40 -6.03 -7.66 -19.10
N ARG B 41 -5.34 -7.12 -18.06
CA ARG B 41 -4.43 -5.98 -18.23
C ARG B 41 -3.22 -6.38 -19.09
N ILE B 42 -2.72 -7.61 -18.90
CA ILE B 42 -1.59 -8.13 -19.66
C ILE B 42 -2.03 -8.39 -21.10
N ARG B 43 -3.21 -9.00 -21.28
CA ARG B 43 -3.81 -9.23 -22.58
C ARG B 43 -4.02 -7.91 -23.33
N THR B 44 -4.48 -6.85 -22.66
CA THR B 44 -4.67 -5.53 -23.27
C THR B 44 -3.34 -4.94 -23.71
N TYR B 45 -2.28 -5.11 -22.89
CA TYR B 45 -0.96 -4.60 -23.27
C TYR B 45 -0.42 -5.37 -24.47
N ASN B 46 -0.62 -6.69 -24.49
CA ASN B 46 -0.16 -7.57 -25.56
C ASN B 46 -0.86 -7.34 -26.91
N GLN B 47 -2.03 -6.69 -26.93
CA GLN B 47 -2.78 -6.42 -28.17
C GLN B 47 -1.98 -5.61 -29.19
N HIS B 48 -1.42 -4.49 -28.78
CA HIS B 48 -0.59 -3.64 -29.64
C HIS B 48 0.86 -4.11 -29.66
N TYR B 49 1.34 -4.65 -28.56
CA TYR B 49 2.73 -5.00 -28.40
C TYR B 49 3.15 -6.30 -29.05
N ASN B 50 2.35 -7.35 -28.88
CA ASN B 50 2.73 -8.65 -29.40
C ASN B 50 2.68 -8.71 -30.92
N ASN B 51 3.75 -9.23 -31.48
CA ASN B 51 3.88 -9.50 -32.89
C ASN B 51 4.87 -10.68 -33.06
N LEU B 52 5.06 -11.12 -34.29
CA LEU B 52 5.92 -12.22 -34.69
C LEU B 52 7.41 -11.98 -34.39
N LEU B 53 7.83 -10.72 -34.33
CA LEU B 53 9.25 -10.39 -34.16
C LEU B 53 9.71 -10.30 -32.70
N ARG B 54 8.79 -10.45 -31.73
CA ARG B 54 9.13 -10.29 -30.33
C ARG B 54 8.32 -11.17 -29.42
N GLY B 55 8.85 -11.43 -28.25
CA GLY B 55 8.14 -12.23 -27.26
C GLY B 55 7.07 -11.40 -26.58
N ALA B 56 5.90 -11.99 -26.39
CA ALA B 56 4.82 -11.35 -25.67
C ALA B 56 5.17 -11.30 -24.16
N VAL B 57 4.54 -10.38 -23.43
CA VAL B 57 4.69 -10.31 -21.99
C VAL B 57 4.04 -11.57 -21.39
N SER B 58 4.74 -12.25 -20.47
CA SER B 58 4.21 -13.43 -19.79
C SER B 58 2.97 -13.06 -18.95
N GLN B 59 2.13 -14.07 -18.66
CA GLN B 59 0.83 -13.91 -18.03
C GLN B 59 0.71 -13.72 -16.49
N ARG B 60 1.77 -13.90 -15.70
CA ARG B 60 1.62 -13.79 -14.24
C ARG B 60 2.38 -12.65 -13.58
N LEU B 61 2.13 -12.40 -12.29
CA LEU B 61 2.88 -11.40 -11.55
C LEU B 61 4.06 -12.12 -10.94
N TYR B 62 5.30 -11.71 -11.25
CA TYR B 62 6.48 -12.37 -10.70
C TYR B 62 6.93 -11.54 -9.52
N ILE B 63 6.95 -12.17 -8.33
CA ILE B 63 7.24 -11.46 -7.08
C ILE B 63 8.55 -11.88 -6.49
N LEU B 64 9.51 -10.97 -6.47
CA LEU B 64 10.82 -11.23 -5.91
C LEU B 64 10.78 -11.23 -4.40
N LEU B 65 11.26 -12.29 -3.78
CA LEU B 65 11.30 -12.41 -2.34
C LEU B 65 12.76 -12.60 -1.87
N PRO B 66 13.57 -11.52 -1.83
CA PRO B 66 14.94 -11.67 -1.33
C PRO B 66 14.93 -11.89 0.19
N LEU B 67 15.63 -12.93 0.66
CA LEU B 67 15.70 -13.20 2.09
C LEU B 67 16.72 -12.30 2.80
N ASP B 68 17.76 -11.84 2.09
CA ASP B 68 18.78 -10.97 2.68
C ASP B 68 19.30 -9.96 1.64
N CYS B 69 18.56 -8.87 1.42
CA CYS B 69 18.93 -7.83 0.44
C CYS B 69 18.47 -6.47 0.96
N GLY B 70 19.06 -5.41 0.44
CA GLY B 70 18.62 -4.05 0.79
C GLY B 70 17.28 -3.68 0.16
N VAL B 71 16.89 -4.40 -0.94
CA VAL B 71 15.67 -4.24 -1.74
C VAL B 71 15.63 -2.86 -2.41
N PRO B 72 16.33 -2.68 -3.55
CA PRO B 72 16.31 -1.37 -4.23
C PRO B 72 14.98 -1.04 -4.91
N ASP B 73 14.80 0.22 -5.29
CA ASP B 73 13.59 0.66 -5.99
C ASP B 73 13.66 0.45 -7.50
N ASN B 74 14.89 0.47 -8.04
CA ASN B 74 15.17 0.23 -9.44
C ASN B 74 15.71 -1.21 -9.58
N LEU B 75 15.08 -2.03 -10.43
CA LEU B 75 15.51 -3.41 -10.64
C LEU B 75 16.82 -3.51 -11.42
N SER B 76 17.15 -2.49 -12.24
CA SER B 76 18.43 -2.49 -12.95
C SER B 76 19.63 -2.28 -11.98
N MET B 77 19.37 -1.72 -10.79
CA MET B 77 20.37 -1.57 -9.73
C MET B 77 20.73 -2.95 -9.17
N ALA B 78 19.74 -3.86 -9.07
CA ALA B 78 19.94 -5.22 -8.60
C ALA B 78 20.66 -6.07 -9.65
N ASP B 79 20.36 -5.85 -10.95
CA ASP B 79 20.95 -6.57 -12.07
C ASP B 79 20.78 -5.74 -13.34
N PRO B 80 21.89 -5.33 -14.00
CA PRO B 80 21.75 -4.53 -15.22
C PRO B 80 21.05 -5.24 -16.38
N ASN B 81 20.96 -6.57 -16.31
CA ASN B 81 20.25 -7.39 -17.28
C ASN B 81 18.72 -7.39 -17.04
N ILE B 82 18.21 -6.62 -16.07
CA ILE B 82 16.79 -6.48 -15.81
C ILE B 82 16.51 -5.03 -16.14
N ARG B 83 15.78 -4.76 -17.23
CA ARG B 83 15.53 -3.38 -17.63
C ARG B 83 14.05 -3.08 -17.79
N PHE B 84 13.64 -1.90 -17.33
CA PHE B 84 12.26 -1.45 -17.43
C PHE B 84 11.89 -1.27 -18.88
N LEU B 85 10.73 -1.76 -19.25
CA LEU B 85 10.24 -1.70 -20.62
C LEU B 85 9.05 -0.75 -20.67
N ASP B 86 8.02 -0.97 -19.83
CA ASP B 86 6.81 -0.17 -19.85
C ASP B 86 5.92 -0.46 -18.67
N LYS B 87 4.90 0.37 -18.46
CA LYS B 87 3.89 0.09 -17.45
C LYS B 87 2.67 -0.53 -18.12
N LEU B 88 1.96 -1.37 -17.38
CA LEU B 88 0.68 -1.92 -17.86
C LEU B 88 -0.34 -0.78 -17.74
N PRO B 89 -1.53 -0.84 -18.41
CA PRO B 89 -2.61 0.13 -18.09
C PRO B 89 -2.93 0.03 -16.57
N GLN B 90 -3.13 1.18 -15.89
CA GLN B 90 -3.33 1.16 -14.45
C GLN B 90 -4.74 0.69 -14.04
N GLN B 91 -4.84 0.15 -12.82
CA GLN B 91 -6.10 -0.31 -12.25
C GLN B 91 -6.49 0.70 -11.15
N THR B 92 -7.75 1.10 -11.12
CA THR B 92 -8.24 2.12 -10.20
C THR B 92 -9.40 1.57 -9.33
N GLY B 93 -9.58 2.13 -8.13
CA GLY B 93 -10.65 1.72 -7.24
C GLY B 93 -10.75 2.54 -5.98
N ASP B 94 -11.97 2.79 -5.50
CA ASP B 94 -12.16 3.54 -4.26
C ASP B 94 -11.81 2.61 -3.12
N ARG B 95 -11.01 3.08 -2.18
CA ARG B 95 -10.59 2.26 -1.07
C ARG B 95 -10.38 3.07 0.19
N ALA B 96 -11.12 2.74 1.27
CA ALA B 96 -11.00 3.31 2.62
C ALA B 96 -11.00 4.83 2.66
N GLY B 97 -11.88 5.43 1.85
CA GLY B 97 -11.99 6.89 1.79
C GLY B 97 -11.13 7.55 0.73
N ILE B 98 -10.30 6.80 0.03
CA ILE B 98 -9.48 7.34 -1.05
C ILE B 98 -10.14 7.01 -2.37
N LYS B 99 -10.59 8.03 -3.08
CA LYS B 99 -11.20 7.85 -4.39
C LYS B 99 -10.15 7.54 -5.41
N ASP B 100 -10.40 6.53 -6.25
CA ASP B 100 -9.49 6.12 -7.33
C ASP B 100 -8.06 5.91 -6.87
N ARG B 101 -7.87 5.00 -5.91
CA ARG B 101 -6.54 4.60 -5.49
C ARG B 101 -5.94 3.82 -6.69
N VAL B 102 -4.69 4.13 -7.05
CA VAL B 102 -4.06 3.54 -8.21
C VAL B 102 -3.15 2.35 -7.91
N TYR B 103 -3.33 1.27 -8.67
CA TYR B 103 -2.52 0.07 -8.62
C TYR B 103 -1.79 -0.04 -9.97
N SER B 104 -0.49 0.25 -9.97
CA SER B 104 0.34 0.23 -11.16
C SER B 104 1.34 -0.90 -11.10
N ASN B 105 1.63 -1.53 -12.23
CA ASN B 105 2.60 -2.62 -12.31
C ASN B 105 3.54 -2.41 -13.48
N SER B 106 4.80 -2.84 -13.37
CA SER B 106 5.80 -2.62 -14.40
C SER B 106 6.26 -3.87 -15.14
N ILE B 107 6.60 -3.68 -16.41
CA ILE B 107 7.05 -4.74 -17.31
C ILE B 107 8.54 -4.61 -17.50
N TYR B 108 9.24 -5.73 -17.42
CA TYR B 108 10.68 -5.75 -17.55
C TYR B 108 11.13 -6.74 -18.59
N GLU B 109 12.24 -6.41 -19.24
CA GLU B 109 12.90 -7.33 -20.16
C GLU B 109 14.06 -7.99 -19.39
N LEU B 110 14.29 -9.26 -19.66
CA LEU B 110 15.38 -10.01 -19.07
C LEU B 110 16.37 -10.27 -20.18
N LEU B 111 17.63 -9.83 -20.00
CA LEU B 111 18.66 -10.04 -21.02
C LEU B 111 19.55 -11.23 -20.71
N GLU B 112 20.01 -11.87 -21.77
CA GLU B 112 20.92 -13.00 -21.71
C GLU B 112 21.82 -12.82 -22.94
N ASN B 113 23.12 -12.56 -22.71
CA ASN B 113 24.13 -12.33 -23.76
C ASN B 113 23.72 -11.20 -24.72
N GLY B 114 23.28 -10.08 -24.16
CA GLY B 114 22.91 -8.91 -24.95
C GLY B 114 21.58 -8.99 -25.71
N GLN B 115 20.85 -10.10 -25.57
CA GLN B 115 19.57 -10.24 -26.24
C GLN B 115 18.44 -10.49 -25.26
N ARG B 116 17.24 -10.04 -25.60
CA ARG B 116 16.07 -10.24 -24.76
C ARG B 116 15.70 -11.71 -24.73
N ALA B 117 15.71 -12.29 -23.55
CA ALA B 117 15.39 -13.70 -23.31
C ALA B 117 14.04 -13.91 -22.61
N GLY B 118 13.45 -12.84 -22.05
CA GLY B 118 12.18 -12.91 -21.35
C GLY B 118 11.56 -11.55 -21.13
N THR B 119 10.21 -11.50 -20.97
CA THR B 119 9.44 -10.27 -20.73
C THR B 119 8.37 -10.55 -19.72
N CYS B 120 8.40 -9.86 -18.55
CA CYS B 120 7.40 -10.16 -17.53
C CYS B 120 7.04 -9.00 -16.61
N VAL B 121 5.90 -9.10 -15.92
CA VAL B 121 5.48 -8.14 -14.91
C VAL B 121 6.23 -8.59 -13.64
N LEU B 122 7.09 -7.72 -13.12
CA LEU B 122 7.97 -8.09 -12.04
C LEU B 122 8.05 -6.99 -10.99
N GLU B 123 8.18 -7.38 -9.73
CA GLU B 123 8.33 -6.43 -8.61
C GLU B 123 8.74 -7.17 -7.33
N TYR B 124 9.28 -6.43 -6.36
CA TYR B 124 9.59 -7.02 -5.07
C TYR B 124 8.32 -7.00 -4.20
N ALA B 125 8.24 -7.88 -3.20
CA ALA B 125 7.15 -7.84 -2.23
C ALA B 125 7.51 -6.69 -1.32
N THR B 126 6.76 -5.61 -1.42
CA THR B 126 6.92 -4.36 -0.67
C THR B 126 7.07 -4.56 0.85
N PRO B 127 6.33 -5.48 1.52
CA PRO B 127 6.54 -5.67 2.98
C PRO B 127 7.97 -6.10 3.36
N LEU B 128 8.73 -6.75 2.46
CA LEU B 128 10.11 -7.14 2.75
C LEU B 128 10.99 -5.92 2.84
N GLN B 129 10.80 -4.95 1.92
CA GLN B 129 11.54 -3.71 1.91
C GLN B 129 11.27 -2.94 3.20
N THR B 130 10.00 -2.91 3.64
CA THR B 130 9.59 -2.21 4.85
C THR B 130 10.14 -2.91 6.12
N LEU B 131 10.12 -4.24 6.15
CA LEU B 131 10.68 -5.03 7.23
C LEU B 131 12.18 -4.72 7.44
N PHE B 132 12.95 -4.69 6.33
CA PHE B 132 14.39 -4.41 6.43
C PHE B 132 14.66 -2.97 6.85
N ALA B 133 13.77 -2.02 6.54
CA ALA B 133 13.91 -0.63 6.95
C ALA B 133 13.54 -0.38 8.44
N MET B 134 12.90 -1.35 9.10
CA MET B 134 12.55 -1.19 10.51
C MET B 134 13.78 -1.08 11.42
N SER B 135 14.94 -1.63 10.98
CA SER B 135 16.24 -1.59 11.70
C SER B 135 16.74 -0.19 12.04
N GLN B 136 16.31 0.84 11.31
CA GLN B 136 16.70 2.24 11.56
C GLN B 136 16.11 2.81 12.85
N TYR B 137 15.05 2.17 13.38
CA TYR B 137 14.28 2.69 14.50
C TYR B 137 14.38 1.81 15.71
N SER B 138 14.82 2.37 16.83
CA SER B 138 14.94 1.64 18.09
C SER B 138 13.60 1.18 18.62
N GLN B 139 12.56 1.99 18.48
CA GLN B 139 11.24 1.61 18.97
C GLN B 139 10.53 0.54 18.12
N ALA B 140 11.05 0.23 16.93
CA ALA B 140 10.50 -0.86 16.12
C ALA B 140 10.91 -2.24 16.71
N GLY B 141 11.98 -2.27 17.52
CA GLY B 141 12.50 -3.49 18.13
C GLY B 141 13.16 -4.43 17.15
N PHE B 142 13.40 -5.66 17.59
CA PHE B 142 14.00 -6.73 16.78
C PHE B 142 15.37 -6.37 16.15
N SER B 143 16.38 -7.16 16.48
CA SER B 143 17.75 -7.00 15.97
C SER B 143 17.85 -7.38 14.46
N ARG B 144 19.05 -7.24 13.84
CA ARG B 144 19.25 -7.59 12.44
C ARG B 144 18.97 -9.07 12.19
N GLU B 145 19.33 -9.93 13.14
CA GLU B 145 19.11 -11.37 13.05
C GLU B 145 17.63 -11.73 13.12
N ASP B 146 16.83 -10.95 13.87
CA ASP B 146 15.40 -11.16 13.98
C ASP B 146 14.68 -10.90 12.66
N ARG B 147 15.17 -9.89 11.90
CA ARG B 147 14.62 -9.53 10.59
C ARG B 147 14.94 -10.59 9.52
N LEU B 148 16.02 -11.36 9.69
CA LEU B 148 16.41 -12.41 8.74
C LEU B 148 15.39 -13.55 8.72
N GLU B 149 15.00 -14.05 9.91
CA GLU B 149 14.00 -15.11 9.99
C GLU B 149 12.57 -14.59 9.81
N GLN B 150 12.36 -13.28 9.99
CA GLN B 150 11.08 -12.62 9.76
C GLN B 150 10.78 -12.61 8.24
N ALA B 151 11.82 -12.45 7.40
CA ALA B 151 11.66 -12.52 5.94
C ALA B 151 11.28 -13.94 5.54
N LYS B 152 11.91 -14.96 6.16
CA LYS B 152 11.62 -16.38 5.91
C LYS B 152 10.18 -16.72 6.33
N LEU B 153 9.74 -16.15 7.47
CA LEU B 153 8.40 -16.32 8.00
C LEU B 153 7.37 -15.68 7.07
N PHE B 154 7.70 -14.51 6.47
CA PHE B 154 6.81 -13.84 5.54
C PHE B 154 6.61 -14.69 4.29
N CYS B 155 7.71 -15.22 3.73
CA CYS B 155 7.66 -16.05 2.52
C CYS B 155 6.89 -17.33 2.74
N ARG B 156 7.16 -18.02 3.85
CA ARG B 156 6.52 -19.26 4.25
C ARG B 156 5.00 -19.05 4.35
N THR B 157 4.56 -17.98 5.06
CA THR B 157 3.14 -17.65 5.22
C THR B 157 2.49 -17.33 3.89
N LEU B 158 3.15 -16.50 3.06
CA LEU B 158 2.61 -16.14 1.75
C LEU B 158 2.43 -17.37 0.86
N GLU B 159 3.38 -18.32 0.94
CA GLU B 159 3.31 -19.57 0.17
C GLU B 159 2.12 -20.42 0.63
N ASP B 160 1.90 -20.52 1.95
CA ASP B 160 0.77 -21.25 2.53
C ASP B 160 -0.55 -20.60 2.14
N ILE B 161 -0.62 -19.24 2.17
CA ILE B 161 -1.83 -18.52 1.79
C ILE B 161 -2.16 -18.79 0.33
N LEU B 162 -1.15 -18.72 -0.54
CA LEU B 162 -1.35 -18.94 -1.96
C LEU B 162 -1.71 -20.40 -2.29
N ALA B 163 -1.23 -21.36 -1.49
CA ALA B 163 -1.57 -22.77 -1.69
C ALA B 163 -3.07 -23.02 -1.44
N ASP B 164 -3.67 -22.24 -0.52
CA ASP B 164 -5.10 -22.31 -0.16
C ASP B 164 -5.98 -21.34 -1.01
N ALA B 165 -5.39 -20.65 -2.00
CA ALA B 165 -6.07 -19.71 -2.89
C ALA B 165 -5.64 -20.03 -4.34
N PRO B 166 -6.29 -21.01 -5.00
CA PRO B 166 -5.87 -21.40 -6.37
C PRO B 166 -6.01 -20.32 -7.43
N GLU B 167 -7.01 -19.44 -7.30
CA GLU B 167 -7.24 -18.32 -8.21
C GLU B 167 -6.14 -17.23 -8.10
N SER B 168 -5.41 -17.19 -6.99
CA SER B 168 -4.29 -16.27 -6.81
C SER B 168 -2.99 -16.98 -7.19
N GLN B 169 -2.86 -18.27 -6.80
CA GLN B 169 -1.71 -19.12 -7.10
C GLN B 169 -1.34 -19.17 -8.59
N ASN B 170 -2.35 -19.21 -9.48
CA ASN B 170 -2.06 -19.26 -10.92
C ASN B 170 -1.80 -17.89 -11.56
N ASN B 171 -2.10 -16.80 -10.86
CA ASN B 171 -1.86 -15.46 -11.40
C ASN B 171 -0.55 -14.82 -10.91
N CYS B 172 0.21 -15.52 -10.05
CA CYS B 172 1.47 -15.03 -9.56
C CYS B 172 2.46 -16.18 -9.33
N ARG B 173 3.75 -15.85 -9.31
CA ARG B 173 4.83 -16.80 -9.08
C ARG B 173 5.76 -16.19 -8.05
N LEU B 174 6.03 -16.91 -6.96
CA LEU B 174 6.93 -16.42 -5.92
C LEU B 174 8.35 -16.82 -6.25
N ILE B 175 9.27 -15.87 -6.16
CA ILE B 175 10.67 -16.14 -6.45
C ILE B 175 11.50 -15.81 -5.22
N ALA B 176 11.67 -16.81 -4.35
CA ALA B 176 12.45 -16.62 -3.12
C ALA B 176 13.93 -16.96 -3.35
N TYR B 177 14.84 -16.15 -2.79
CA TYR B 177 16.27 -16.37 -3.01
C TYR B 177 17.11 -15.66 -1.94
N GLN B 178 18.35 -16.13 -1.74
CA GLN B 178 19.30 -15.54 -0.82
C GLN B 178 20.50 -15.07 -1.67
N GLU B 179 20.85 -13.78 -1.63
CA GLU B 179 21.97 -13.27 -2.43
C GLU B 179 23.28 -13.36 -1.66
N PHE B 186 26.20 -13.12 -7.97
CA PHE B 186 24.82 -13.63 -8.07
C PHE B 186 24.09 -12.95 -9.22
N SER B 187 23.32 -13.71 -10.02
CA SER B 187 22.56 -13.15 -11.13
C SER B 187 21.06 -13.27 -10.87
N LEU B 188 20.40 -12.14 -10.61
CA LEU B 188 18.96 -12.11 -10.38
C LEU B 188 18.18 -12.43 -11.68
N SER B 189 18.71 -12.00 -12.85
CA SER B 189 18.15 -12.26 -14.18
C SER B 189 17.95 -13.74 -14.45
N GLN B 190 18.97 -14.57 -14.11
CA GLN B 190 18.96 -16.01 -14.28
C GLN B 190 17.93 -16.66 -13.39
N GLU B 191 17.77 -16.15 -12.16
CA GLU B 191 16.77 -16.69 -11.25
C GLU B 191 15.36 -16.48 -11.79
N VAL B 192 15.06 -15.28 -12.31
CA VAL B 192 13.74 -15.01 -12.90
C VAL B 192 13.55 -15.82 -14.18
N LEU B 193 14.58 -15.88 -15.04
CA LEU B 193 14.51 -16.64 -16.29
C LEU B 193 14.27 -18.14 -16.07
N ARG B 194 14.86 -18.71 -15.02
CA ARG B 194 14.68 -20.11 -14.65
C ARG B 194 13.20 -20.39 -14.37
N HIS B 195 12.52 -19.50 -13.61
CA HIS B 195 11.10 -19.61 -13.26
C HIS B 195 10.19 -19.35 -14.46
N LEU B 196 10.54 -18.33 -15.25
CA LEU B 196 9.80 -17.91 -16.42
C LEU B 196 9.81 -19.00 -17.50
N ARG B 197 10.99 -19.56 -17.86
CA ARG B 197 11.07 -20.57 -18.91
C ARG B 197 10.69 -22.00 -18.44
N GLN B 198 10.30 -22.16 -17.18
CA GLN B 198 9.78 -23.42 -16.68
C GLN B 198 8.26 -23.51 -16.95
N GLU B 199 7.57 -22.35 -17.09
CA GLU B 199 6.14 -22.25 -17.34
C GLU B 199 5.74 -22.70 -18.73
N GLU B 200 6.52 -22.33 -19.77
CA GLU B 200 6.21 -22.76 -21.14
C GLU B 200 6.51 -24.26 -21.34
N LYS B 201 7.79 -24.66 -21.26
CA LYS B 201 8.19 -26.05 -21.42
C LYS B 201 9.32 -26.39 -20.46
C1 GJF C . -1.26 3.39 1.04
C2 GJF C . -0.64 3.52 -0.19
C3 GJF C . -1.32 4.28 -1.16
C4 GJF C . 0.72 2.47 1.05
N1 GJF C . -2.49 4.85 -0.81
N2 GJF C . -2.43 3.91 1.41
C5 GJF C . 1.36 -2.73 0.98
C6 GJF C . 1.18 -3.45 -0.34
C7 GJF C . -0.05 -4.62 1.30
C8 GJF C . 0.98 -3.77 2.04
O1 GJF C . 0.27 -4.51 -0.09
O2 GJF C . 2.06 -4.58 2.49
O3 GJF C . 2.73 -2.36 1.23
O4 GJF C . 3.37 -0.23 0.30
S1 GJF C . 4.89 -1.29 2.59
C9 GJF C . -1.47 -4.22 1.54
C10 GJF C . 1.11 -2.32 -2.62
C11 GJF C . 0.20 -1.44 -3.21
C12 GJF C . -0.60 -1.96 -1.31
C13 GJF C . 2.41 -2.27 -4.39
C14 GJF C . 0.51 -0.97 -4.49
N3 GJF C . 0.59 -2.63 -1.39
N4 GJF C . -0.89 -1.24 -2.36
N5 GJF C . 2.24 -2.78 -3.17
N6 GJF C . 1.64 -1.41 -5.06
N7 GJF C . -0.24 -0.07 -5.16
O5 GJF C . -3.12 -0.69 1.48
O6 GJF C . -1.54 -2.77 1.57
S2 GJF C . -4.02 -2.57 3.49
P1 GJF C . 3.22 -0.93 1.58
P2 GJF C . -2.49 -1.73 2.38
C15 GJF C . 1.83 -0.24 3.91
O7 GJF C . 2.12 -0.21 2.49
C16 GJF C . 0.52 0.46 4.15
O8 GJF C . 0.65 1.85 3.78
C17 GJF C . -0.62 0.02 3.24
O9 GJF C . -1.45 -1.08 3.66
C18 GJF C . -1.57 1.20 3.34
O10 GJF C . -2.32 1.28 4.54
C19 GJF C . -0.57 2.33 3.22
C20 GJF C . -2.97 4.63 0.42
N8 GJF C . -0.90 4.42 -2.42
N9 GJF C . 0.61 2.92 -0.18
N10 GJF C . -0.36 2.71 1.84
CA CA D . -10.94 31.66 2.52
NA NA E . 5.97 -0.90 -4.67
NA NA F . 2.15 14.08 -0.08
NA NA G . -6.59 18.50 5.52
NA NA H . -8.01 10.31 -4.11
CA CA I . 5.11 -13.44 -30.28
NA NA J . -6.82 3.26 0.90
NA NA K . 14.70 -2.08 2.86
NA NA L . 4.25 -11.49 -16.32
NA NA M . -4.73 -6.23 -11.84
#